data_3JSY
#
_entry.id   3JSY
#
_cell.length_a   57.000
_cell.length_b   70.080
_cell.length_c   97.960
_cell.angle_alpha   90.00
_cell.angle_beta   90.00
_cell.angle_gamma   90.00
#
_symmetry.space_group_name_H-M   'P 21 21 21'
#
loop_
_entity.id
_entity.type
_entity.pdbx_description
1 polymer 'Acidic ribosomal protein P0 homolog'
2 water water
#
_entity_poly.entity_id   1
_entity_poly.type   'polypeptide(L)'
_entity_poly.pdbx_seq_one_letter_code
;MAPWKIEEVKTLKGLIKSKPVVAIVDMMDVPAPQLQEIRDKIRDKVKLRMSRNTLIIRALKEAAEELNNPKLAELANYVE
RGAAILVTDMNPFKLYKLLEENKSPAPVRGGQIAPCDIKVEKGSTGMPPGPFLGELKSVGIPAAIEKGKIAIKEDKVVVK
KGEVVSPKLAAVLDRLGIKPIKVGLNILAVYEDGIIYTPDVLKVDEEKLLADI
;
_entity_poly.pdbx_strand_id   A,B
#
# COMPACT_ATOMS: atom_id res chain seq x y z
N MET A 1 11.24 12.33 12.66
CA MET A 1 10.38 12.49 11.46
C MET A 1 9.14 13.33 11.75
N ALA A 2 8.83 14.23 10.83
CA ALA A 2 7.64 15.07 10.92
C ALA A 2 6.39 14.19 10.89
N PRO A 3 5.28 14.70 11.44
CA PRO A 3 4.03 13.94 11.47
C PRO A 3 3.56 13.40 10.12
N TRP A 4 3.81 14.12 9.03
CA TRP A 4 3.36 13.61 7.73
C TRP A 4 4.05 12.31 7.37
N LYS A 5 5.31 12.17 7.78
CA LYS A 5 6.07 10.96 7.50
C LYS A 5 5.54 9.81 8.36
N ILE A 6 5.23 10.11 9.61
CA ILE A 6 4.65 9.11 10.51
CA ILE A 6 4.67 9.11 10.51
C ILE A 6 3.33 8.60 9.94
N GLU A 7 2.50 9.52 9.46
CA GLU A 7 1.21 9.16 8.89
C GLU A 7 1.33 8.37 7.59
N GLU A 8 2.33 8.71 6.78
CA GLU A 8 2.54 7.96 5.54
C GLU A 8 3.06 6.56 5.84
N VAL A 9 3.94 6.45 6.82
CA VAL A 9 4.46 5.15 7.25
C VAL A 9 3.30 4.31 7.77
N LYS A 10 2.34 4.96 8.44
CA LYS A 10 1.17 4.29 8.96
C LYS A 10 0.37 3.63 7.82
N THR A 11 0.20 4.35 6.71
CA THR A 11 -0.52 3.80 5.56
C THR A 11 0.26 2.65 4.92
N LEU A 12 1.58 2.78 4.85
CA LEU A 12 2.41 1.72 4.28
C LEU A 12 2.34 0.45 5.13
N LYS A 13 2.40 0.62 6.44
CA LYS A 13 2.31 -0.52 7.35
C LYS A 13 0.94 -1.19 7.24
N GLY A 14 -0.11 -0.38 7.12
CA GLY A 14 -1.45 -0.94 6.93
C GLY A 14 -1.46 -1.87 5.73
N LEU A 15 -0.82 -1.42 4.65
CA LEU A 15 -0.76 -2.22 3.42
C LEU A 15 0.02 -3.50 3.65
N ILE A 16 1.20 -3.38 4.23
CA ILE A 16 2.07 -4.53 4.51
C ILE A 16 1.36 -5.59 5.34
N LYS A 17 0.56 -5.16 6.31
CA LYS A 17 -0.13 -6.06 7.23
C LYS A 17 -1.39 -6.70 6.66
N SER A 18 -1.85 -6.21 5.52
CA SER A 18 -3.14 -6.63 4.97
C SER A 18 -3.15 -7.92 4.14
N LYS A 19 -1.99 -8.33 3.65
CA LYS A 19 -1.91 -9.53 2.80
C LYS A 19 -0.79 -10.44 3.28
N PRO A 20 -0.87 -11.74 2.92
CA PRO A 20 0.14 -12.70 3.34
C PRO A 20 1.45 -12.59 2.58
N VAL A 21 1.39 -12.07 1.35
CA VAL A 21 2.58 -11.99 0.51
C VAL A 21 3.00 -10.54 0.29
N VAL A 22 4.22 -10.20 0.70
CA VAL A 22 4.72 -8.84 0.59
C VAL A 22 5.99 -8.79 -0.25
N ALA A 23 5.97 -7.99 -1.31
CA ALA A 23 7.13 -7.91 -2.18
C ALA A 23 7.69 -6.49 -2.30
N ILE A 24 8.97 -6.40 -2.57
CA ILE A 24 9.60 -5.13 -2.91
C ILE A 24 9.90 -5.20 -4.40
N VAL A 25 9.34 -4.28 -5.16
CA VAL A 25 9.57 -4.23 -6.61
C VAL A 25 10.19 -2.90 -6.99
N ASP A 26 10.78 -2.86 -8.19
CA ASP A 26 11.46 -1.67 -8.68
C ASP A 26 10.74 -1.11 -9.90
N MET A 27 10.24 0.11 -9.80
CA MET A 27 9.48 0.72 -10.89
C MET A 27 10.24 1.79 -11.67
N MET A 28 11.56 1.79 -11.54
CA MET A 28 12.39 2.75 -12.26
C MET A 28 12.32 2.47 -13.76
N ASP A 29 12.42 3.51 -14.57
CA ASP A 29 12.45 3.35 -16.02
C ASP A 29 11.27 2.62 -16.67
N VAL A 30 10.09 3.21 -16.61
CA VAL A 30 8.93 2.65 -17.29
C VAL A 30 8.06 3.74 -17.93
N PRO A 31 8.16 3.90 -19.26
CA PRO A 31 7.40 4.89 -20.00
C PRO A 31 5.89 4.69 -19.84
N ALA A 32 5.14 5.79 -19.94
CA ALA A 32 3.70 5.78 -19.73
C ALA A 32 2.95 4.62 -20.38
N PRO A 33 3.15 4.44 -21.69
CA PRO A 33 2.43 3.38 -22.41
C PRO A 33 2.68 2.00 -21.81
N GLN A 34 3.95 1.65 -21.60
CA GLN A 34 4.30 0.36 -21.03
C GLN A 34 3.75 0.19 -19.63
N LEU A 35 3.72 1.27 -18.87
CA LEU A 35 3.21 1.22 -17.51
C LEU A 35 1.73 0.84 -17.50
N GLN A 36 0.99 1.35 -18.49
CA GLN A 36 -0.43 1.02 -18.59
C GLN A 36 -0.60 -0.40 -19.08
N GLU A 37 0.37 -0.89 -19.84
CA GLU A 37 0.38 -2.29 -20.26
C GLU A 37 0.52 -3.18 -19.02
N ILE A 38 1.43 -2.79 -18.13
CA ILE A 38 1.65 -3.55 -16.90
C ILE A 38 0.40 -3.48 -16.03
N ARG A 39 -0.19 -2.28 -15.95
CA ARG A 39 -1.41 -2.06 -15.20
C ARG A 39 -2.49 -3.04 -15.63
N ASP A 40 -2.69 -3.17 -16.94
CA ASP A 40 -3.71 -4.06 -17.48
C ASP A 40 -3.52 -5.52 -17.11
N LYS A 41 -2.27 -5.92 -16.88
CA LYS A 41 -1.96 -7.33 -16.65
C LYS A 41 -1.94 -7.77 -15.18
N ILE A 42 -1.70 -6.83 -14.26
CA ILE A 42 -1.61 -7.15 -12.84
C ILE A 42 -2.72 -6.47 -12.04
N ARG A 43 -3.47 -5.63 -12.74
CA ARG A 43 -4.53 -4.80 -12.19
CA ARG A 43 -4.51 -4.79 -12.16
C ARG A 43 -5.31 -5.39 -11.01
N ASP A 44 -5.89 -6.57 -11.23
CA ASP A 44 -6.76 -7.19 -10.23
C ASP A 44 -6.08 -8.19 -9.31
N LYS A 45 -4.76 -8.32 -9.40
CA LYS A 45 -4.08 -9.39 -8.68
C LYS A 45 -3.17 -8.93 -7.56
N VAL A 46 -2.81 -7.65 -7.57
CA VAL A 46 -1.88 -7.11 -6.58
C VAL A 46 -2.29 -5.71 -6.16
N LYS A 47 -1.65 -5.20 -5.11
CA LYS A 47 -1.81 -3.83 -4.69
C LYS A 47 -0.41 -3.24 -4.60
N LEU A 48 -0.25 -2.00 -5.05
CA LEU A 48 1.06 -1.38 -5.10
C LEU A 48 1.04 0.02 -4.49
N ARG A 49 2.07 0.35 -3.72
CA ARG A 49 2.18 1.68 -3.14
C ARG A 49 3.60 2.20 -3.35
N MET A 50 3.70 3.37 -3.97
CA MET A 50 4.98 4.04 -4.15
C MET A 50 5.22 4.96 -2.96
N SER A 51 6.47 5.07 -2.54
CA SER A 51 6.84 5.98 -1.46
C SER A 51 8.36 6.14 -1.43
N ARG A 52 8.84 7.07 -0.62
CA ARG A 52 10.28 7.27 -0.50
C ARG A 52 10.90 6.02 0.12
N ASN A 53 12.11 5.68 -0.33
CA ASN A 53 12.80 4.51 0.19
C ASN A 53 12.98 4.52 1.70
N THR A 54 13.28 5.70 2.26
N THR A 54 13.25 5.69 2.27
CA THR A 54 13.45 5.85 3.69
CA THR A 54 13.46 5.81 3.71
C THR A 54 12.19 5.43 4.44
C THR A 54 12.19 5.50 4.50
N LEU A 55 11.03 5.84 3.92
CA LEU A 55 9.76 5.55 4.56
C LEU A 55 9.41 4.07 4.42
N ILE A 56 9.77 3.47 3.28
CA ILE A 56 9.53 2.05 3.08
C ILE A 56 10.32 1.20 4.06
N ILE A 57 11.59 1.55 4.26
CA ILE A 57 12.42 0.85 5.22
C ILE A 57 11.83 0.93 6.62
N ARG A 58 11.41 2.12 7.03
CA ARG A 58 10.83 2.30 8.35
C ARG A 58 9.54 1.49 8.51
N ALA A 59 8.70 1.52 7.49
CA ALA A 59 7.44 0.78 7.51
C ALA A 59 7.67 -0.73 7.66
N LEU A 60 8.63 -1.26 6.91
CA LEU A 60 8.95 -2.69 7.00
C LEU A 60 9.45 -3.07 8.39
N LYS A 61 10.37 -2.28 8.93
CA LYS A 61 10.93 -2.55 10.25
C LYS A 61 9.88 -2.47 11.34
N GLU A 62 9.07 -1.42 11.33
CA GLU A 62 8.03 -1.27 12.35
C GLU A 62 6.89 -2.28 12.20
N ALA A 63 6.48 -2.56 10.97
CA ALA A 63 5.42 -3.55 10.76
C ALA A 63 5.87 -4.93 11.26
N ALA A 64 7.15 -5.25 11.06
CA ALA A 64 7.68 -6.53 11.50
C ALA A 64 7.58 -6.67 13.01
N GLU A 65 7.97 -5.61 13.72
CA GLU A 65 7.91 -5.56 15.17
C GLU A 65 6.44 -5.64 15.62
N GLU A 66 5.58 -4.89 14.96
CA GLU A 66 4.18 -4.83 15.35
C GLU A 66 3.43 -6.16 15.20
N LEU A 67 3.89 -6.98 14.26
CA LEU A 67 3.26 -8.28 14.00
C LEU A 67 3.98 -9.44 14.68
N ASN A 68 5.01 -9.14 15.46
CA ASN A 68 5.82 -10.19 16.05
C ASN A 68 6.32 -11.12 14.96
N ASN A 69 6.75 -10.51 13.86
CA ASN A 69 7.19 -11.23 12.67
C ASN A 69 8.46 -10.61 12.11
N PRO A 70 9.57 -10.75 12.85
CA PRO A 70 10.85 -10.10 12.54
C PRO A 70 11.39 -10.32 11.13
N LYS A 71 11.14 -11.48 10.54
CA LYS A 71 11.70 -11.80 9.24
C LYS A 71 11.28 -10.76 8.20
N LEU A 72 10.09 -10.19 8.40
CA LEU A 72 9.55 -9.19 7.50
C LEU A 72 10.52 -8.01 7.32
N ALA A 73 11.22 -7.64 8.39
CA ALA A 73 12.14 -6.51 8.35
C ALA A 73 13.31 -6.71 7.38
N GLU A 74 13.61 -7.96 7.06
CA GLU A 74 14.70 -8.25 6.13
C GLU A 74 14.47 -7.66 4.75
N LEU A 75 13.20 -7.51 4.36
CA LEU A 75 12.87 -6.93 3.07
C LEU A 75 13.53 -5.56 2.90
N ALA A 76 13.71 -4.85 4.00
CA ALA A 76 14.32 -3.51 3.97
C ALA A 76 15.68 -3.52 3.30
N ASN A 77 16.41 -4.62 3.46
CA ASN A 77 17.74 -4.76 2.89
C ASN A 77 17.76 -4.84 1.37
N TYR A 78 16.59 -5.08 0.77
CA TYR A 78 16.49 -5.23 -0.67
C TYR A 78 15.92 -3.99 -1.36
N VAL A 79 15.57 -2.98 -0.57
CA VAL A 79 15.06 -1.72 -1.12
C VAL A 79 16.14 -0.97 -1.90
N GLU A 80 15.87 -0.68 -3.16
CA GLU A 80 16.81 0.06 -4.02
C GLU A 80 16.13 0.69 -5.23
N ARG A 81 16.74 1.75 -5.77
CA ARG A 81 16.20 2.46 -6.93
C ARG A 81 14.76 2.89 -6.66
N GLY A 82 13.89 2.66 -7.64
CA GLY A 82 12.49 3.05 -7.54
C GLY A 82 11.66 2.06 -6.77
N ALA A 83 12.04 1.81 -5.52
CA ALA A 83 11.38 0.81 -4.70
C ALA A 83 9.91 1.12 -4.45
N ALA A 84 9.09 0.08 -4.52
CA ALA A 84 7.67 0.17 -4.22
C ALA A 84 7.26 -1.07 -3.43
N ILE A 85 6.21 -0.94 -2.64
CA ILE A 85 5.67 -2.08 -1.90
C ILE A 85 4.52 -2.69 -2.69
N LEU A 86 4.57 -4.00 -2.87
CA LEU A 86 3.50 -4.73 -3.54
C LEU A 86 2.98 -5.80 -2.59
N VAL A 87 1.67 -5.91 -2.45
CA VAL A 87 1.09 -6.97 -1.63
C VAL A 87 0.09 -7.75 -2.45
N THR A 88 -0.10 -9.01 -2.11
CA THR A 88 -0.97 -9.88 -2.90
C THR A 88 -1.33 -11.15 -2.14
N ASP A 89 -2.31 -11.88 -2.66
CA ASP A 89 -2.68 -13.17 -2.11
C ASP A 89 -1.99 -14.30 -2.87
N MET A 90 -1.52 -14.02 -4.08
CA MET A 90 -0.90 -15.06 -4.89
C MET A 90 0.49 -15.40 -4.36
N ASN A 91 0.86 -16.67 -4.45
CA ASN A 91 2.14 -17.10 -3.88
C ASN A 91 3.34 -16.47 -4.59
N PRO A 92 4.48 -16.41 -3.90
CA PRO A 92 5.64 -15.69 -4.43
C PRO A 92 6.09 -16.16 -5.81
N PHE A 93 5.93 -17.44 -6.09
CA PHE A 93 6.35 -17.98 -7.38
C PHE A 93 5.41 -17.56 -8.50
N LYS A 94 4.11 -17.60 -8.23
CA LYS A 94 3.12 -17.15 -9.18
C LYS A 94 3.29 -15.65 -9.44
N LEU A 95 3.68 -14.92 -8.40
CA LEU A 95 3.92 -13.48 -8.53
C LEU A 95 5.14 -13.23 -9.40
N TYR A 96 6.21 -13.99 -9.17
CA TYR A 96 7.42 -13.84 -9.98
C TYR A 96 7.09 -14.08 -11.45
N LYS A 97 6.38 -15.17 -11.73
CA LYS A 97 6.01 -15.48 -13.11
C LYS A 97 5.15 -14.37 -13.69
N LEU A 98 4.23 -13.85 -12.88
CA LEU A 98 3.34 -12.78 -13.34
C LEU A 98 4.12 -11.55 -13.79
N LEU A 99 5.07 -11.12 -12.97
CA LEU A 99 5.80 -9.89 -13.24
C LEU A 99 6.98 -10.05 -14.19
N GLU A 100 7.71 -11.15 -14.03
CA GLU A 100 8.96 -11.35 -14.77
C GLU A 100 8.77 -12.01 -16.13
N GLU A 101 7.73 -12.82 -16.26
CA GLU A 101 7.48 -13.52 -17.51
C GLU A 101 6.78 -12.64 -18.54
N ASN A 102 5.86 -11.82 -18.09
CA ASN A 102 5.12 -10.95 -19.00
C ASN A 102 5.52 -9.49 -18.88
N LYS A 103 6.65 -9.15 -19.52
CA LYS A 103 7.18 -7.79 -19.49
C LYS A 103 6.74 -7.05 -20.76
N SER A 104 6.77 -5.73 -20.70
CA SER A 104 6.38 -4.91 -21.84
C SER A 104 7.58 -4.49 -22.68
N PRO A 105 7.50 -4.68 -24.00
CA PRO A 105 8.56 -4.24 -24.87
C PRO A 105 8.63 -2.71 -24.90
N ALA A 106 9.85 -2.17 -24.92
CA ALA A 106 10.05 -0.73 -24.97
C ALA A 106 11.22 -0.37 -25.88
N PRO A 107 11.22 0.84 -26.43
CA PRO A 107 12.33 1.29 -27.26
C PRO A 107 13.59 1.50 -26.41
N VAL A 108 14.75 1.32 -27.01
CA VAL A 108 15.99 1.65 -26.31
C VAL A 108 16.18 3.16 -26.36
N ARG A 109 16.80 3.72 -25.33
CA ARG A 109 16.99 5.17 -25.25
C ARG A 109 18.34 5.61 -25.77
N GLY A 110 18.39 6.79 -26.37
CA GLY A 110 19.65 7.36 -26.82
C GLY A 110 20.60 7.54 -25.65
N GLY A 111 21.82 7.02 -25.79
CA GLY A 111 22.84 7.17 -24.75
C GLY A 111 22.79 6.10 -23.68
N GLN A 112 21.86 5.17 -23.81
CA GLN A 112 21.73 4.05 -22.88
C GLN A 112 22.67 2.91 -23.27
N ILE A 113 23.12 2.13 -22.29
CA ILE A 113 23.94 0.96 -22.57
C ILE A 113 23.02 -0.19 -22.98
N ALA A 114 23.27 -0.79 -24.13
CA ALA A 114 22.45 -1.90 -24.60
C ALA A 114 22.53 -3.09 -23.64
N PRO A 115 21.37 -3.56 -23.16
CA PRO A 115 21.33 -4.67 -22.23
C PRO A 115 21.54 -6.02 -22.93
N CYS A 116 21.43 -6.00 -24.26
CA CYS A 116 21.57 -7.19 -25.08
C CYS A 116 21.91 -6.72 -26.49
N ASP A 117 22.31 -7.65 -27.35
CA ASP A 117 22.51 -7.32 -28.75
C ASP A 117 21.17 -6.82 -29.29
N ILE A 118 21.19 -5.72 -30.04
CA ILE A 118 19.98 -5.21 -30.67
C ILE A 118 20.10 -5.39 -32.18
N LYS A 119 19.06 -5.95 -32.77
CA LYS A 119 19.10 -6.32 -34.18
C LYS A 119 17.96 -5.70 -34.98
N VAL A 120 18.15 -5.61 -36.29
CA VAL A 120 17.09 -5.19 -37.20
C VAL A 120 16.78 -6.36 -38.11
N GLU A 121 15.59 -6.34 -38.71
CA GLU A 121 15.18 -7.41 -39.61
C GLU A 121 15.02 -6.91 -41.04
N LYS A 122 15.41 -7.76 -41.99
CA LYS A 122 15.32 -7.44 -43.41
C LYS A 122 13.86 -7.25 -43.82
N GLY A 123 13.63 -6.40 -44.82
CA GLY A 123 12.27 -6.20 -45.34
C GLY A 123 11.79 -4.77 -45.41
N SER A 124 10.61 -4.58 -45.98
CA SER A 124 10.03 -3.25 -46.15
C SER A 124 9.67 -2.56 -44.84
N THR A 125 9.87 -1.25 -44.81
CA THR A 125 9.47 -0.44 -43.66
C THR A 125 8.07 0.10 -43.90
N GLY A 126 7.62 0.02 -45.14
CA GLY A 126 6.31 0.52 -45.53
C GLY A 126 6.30 2.04 -45.64
N MET A 127 7.48 2.64 -45.55
CA MET A 127 7.60 4.09 -45.62
CA MET A 127 7.61 4.09 -45.61
C MET A 127 8.04 4.56 -47.00
N PRO A 128 7.53 5.73 -47.43
CA PRO A 128 7.84 6.29 -48.73
C PRO A 128 9.29 6.75 -48.83
N PRO A 129 9.75 6.99 -50.06
CA PRO A 129 11.10 7.49 -50.33
C PRO A 129 11.31 8.83 -49.67
N GLY A 130 12.48 9.04 -49.09
CA GLY A 130 12.78 10.28 -48.40
C GLY A 130 14.06 10.20 -47.59
N PRO A 131 14.33 11.25 -46.81
CA PRO A 131 15.54 11.36 -46.00
C PRO A 131 15.77 10.20 -45.04
N PHE A 132 14.73 9.46 -44.69
CA PHE A 132 14.87 8.34 -43.76
C PHE A 132 15.81 7.27 -44.34
N LEU A 133 15.84 7.16 -45.67
CA LEU A 133 16.73 6.20 -46.31
C LEU A 133 18.17 6.52 -45.90
N GLY A 134 18.52 7.80 -45.95
CA GLY A 134 19.85 8.25 -45.58
C GLY A 134 20.12 8.09 -44.10
N GLU A 135 19.09 8.31 -43.28
CA GLU A 135 19.21 8.15 -41.83
C GLU A 135 19.58 6.71 -41.51
N LEU A 136 18.88 5.76 -42.11
CA LEU A 136 19.15 4.34 -41.90
C LEU A 136 20.61 3.99 -42.22
N LYS A 137 21.05 4.33 -43.42
CA LYS A 137 22.43 4.06 -43.81
C LYS A 137 23.44 4.68 -42.86
N SER A 138 23.12 5.87 -42.36
CA SER A 138 24.05 6.61 -41.49
C SER A 138 24.26 5.96 -40.12
N VAL A 139 23.38 5.05 -39.73
CA VAL A 139 23.55 4.36 -38.45
C VAL A 139 23.92 2.89 -38.65
N GLY A 140 24.37 2.56 -39.86
CA GLY A 140 24.87 1.22 -40.15
C GLY A 140 23.80 0.20 -40.52
N ILE A 141 22.69 0.68 -41.06
CA ILE A 141 21.61 -0.20 -41.51
C ILE A 141 21.47 -0.11 -43.02
N PRO A 142 22.01 -1.10 -43.74
CA PRO A 142 21.89 -1.10 -45.20
C PRO A 142 20.44 -1.06 -45.64
N ALA A 143 20.13 -0.23 -46.63
CA ALA A 143 18.75 -0.05 -47.06
C ALA A 143 18.69 0.46 -48.50
N ALA A 144 17.53 0.27 -49.12
CA ALA A 144 17.32 0.71 -50.50
C ALA A 144 15.84 0.86 -50.77
N ILE A 145 15.50 1.50 -51.88
CA ILE A 145 14.10 1.61 -52.28
C ILE A 145 13.72 0.38 -53.08
N GLU A 146 12.69 -0.32 -52.63
CA GLU A 146 12.19 -1.47 -53.38
C GLU A 146 10.68 -1.56 -53.27
N LYS A 147 10.02 -1.75 -54.41
CA LYS A 147 8.57 -1.75 -54.46
C LYS A 147 8.04 -0.39 -54.03
N GLY A 148 8.82 0.64 -54.28
CA GLY A 148 8.43 2.01 -53.98
C GLY A 148 8.53 2.41 -52.52
N LYS A 149 8.99 1.50 -51.67
CA LYS A 149 9.13 1.78 -50.25
C LYS A 149 10.57 1.63 -49.79
N ILE A 150 10.86 2.15 -48.60
CA ILE A 150 12.18 1.97 -48.02
C ILE A 150 12.23 0.59 -47.38
N ALA A 151 13.25 -0.18 -47.74
CA ALA A 151 13.39 -1.54 -47.23
C ALA A 151 14.76 -1.79 -46.64
N ILE A 152 14.82 -2.52 -45.53
CA ILE A 152 16.10 -2.89 -44.93
C ILE A 152 16.65 -4.08 -45.73
N LYS A 153 17.94 -4.03 -46.05
CA LYS A 153 18.56 -5.04 -46.89
C LYS A 153 18.73 -6.41 -46.23
N GLU A 154 19.20 -6.45 -44.99
CA GLU A 154 19.35 -7.74 -44.32
C GLU A 154 19.34 -7.65 -42.79
N ASP A 155 19.10 -8.78 -42.15
CA ASP A 155 19.13 -8.87 -40.70
C ASP A 155 20.52 -8.46 -40.23
N LYS A 156 20.60 -7.76 -39.11
CA LYS A 156 21.89 -7.29 -38.62
C LYS A 156 21.83 -6.83 -37.18
N VAL A 157 22.92 -7.09 -36.46
CA VAL A 157 23.08 -6.54 -35.12
C VAL A 157 23.59 -5.12 -35.36
N VAL A 158 22.92 -4.13 -34.77
CA VAL A 158 23.30 -2.73 -34.99
C VAL A 158 24.07 -2.13 -33.82
N VAL A 159 23.97 -2.80 -32.67
CA VAL A 159 24.72 -2.42 -31.48
C VAL A 159 24.84 -3.66 -30.60
N LYS A 160 26.00 -3.85 -29.97
CA LYS A 160 26.23 -5.03 -29.15
C LYS A 160 25.95 -4.79 -27.66
N LYS A 161 25.68 -5.88 -26.95
CA LYS A 161 25.47 -5.83 -25.51
C LYS A 161 26.64 -5.09 -24.86
N GLY A 162 26.34 -4.16 -23.97
CA GLY A 162 27.37 -3.43 -23.23
C GLY A 162 27.90 -2.20 -23.95
N GLU A 163 27.42 -1.97 -25.17
CA GLU A 163 27.80 -0.79 -25.94
C GLU A 163 26.70 0.26 -25.87
N VAL A 164 27.11 1.53 -25.89
CA VAL A 164 26.14 2.62 -25.87
C VAL A 164 25.38 2.71 -27.19
N VAL A 165 24.08 2.97 -27.09
CA VAL A 165 23.23 3.17 -28.26
C VAL A 165 23.26 4.65 -28.63
N SER A 166 23.79 4.99 -29.79
CA SER A 166 23.85 6.38 -30.21
C SER A 166 22.45 6.96 -30.31
N PRO A 167 22.30 8.25 -30.01
CA PRO A 167 20.98 8.87 -30.12
C PRO A 167 20.35 8.74 -31.49
N LYS A 168 21.16 8.83 -32.56
CA LYS A 168 20.55 8.71 -33.89
C LYS A 168 20.08 7.29 -34.14
N LEU A 169 20.85 6.30 -33.69
CA LEU A 169 20.43 4.91 -33.84
C LEU A 169 19.14 4.67 -33.07
N ALA A 170 19.06 5.17 -31.84
CA ALA A 170 17.85 5.00 -31.04
C ALA A 170 16.65 5.62 -31.75
N ALA A 171 16.85 6.79 -32.34
CA ALA A 171 15.77 7.47 -33.04
C ALA A 171 15.31 6.64 -34.23
N VAL A 172 16.27 6.11 -34.98
CA VAL A 172 15.95 5.32 -36.16
C VAL A 172 15.22 4.03 -35.78
N LEU A 173 15.70 3.35 -34.74
CA LEU A 173 15.07 2.10 -34.28
C LEU A 173 13.64 2.34 -33.81
N ASP A 174 13.44 3.45 -33.11
CA ASP A 174 12.13 3.80 -32.58
C ASP A 174 11.18 4.13 -33.74
N ARG A 175 11.69 4.79 -34.77
CA ARG A 175 10.89 5.12 -35.96
C ARG A 175 10.42 3.85 -36.66
N LEU A 176 11.23 2.80 -36.59
CA LEU A 176 10.90 1.52 -37.18
C LEU A 176 9.95 0.69 -36.29
N GLY A 177 9.63 1.22 -35.12
CA GLY A 177 8.75 0.55 -34.17
C GLY A 177 9.42 -0.59 -33.43
N ILE A 178 10.75 -0.60 -33.46
CA ILE A 178 11.50 -1.66 -32.79
C ILE A 178 11.56 -1.39 -31.29
N LYS A 179 11.21 -2.39 -30.50
CA LYS A 179 11.20 -2.28 -29.04
C LYS A 179 11.93 -3.48 -28.45
N PRO A 180 13.28 -3.40 -28.44
CA PRO A 180 14.15 -4.51 -28.03
C PRO A 180 14.38 -4.64 -26.53
N ILE A 181 14.00 -3.64 -25.74
CA ILE A 181 14.16 -3.71 -24.29
C ILE A 181 12.89 -4.23 -23.64
N LYS A 182 13.05 -4.97 -22.56
CA LYS A 182 11.91 -5.45 -21.78
C LYS A 182 11.86 -4.64 -20.48
N VAL A 183 10.71 -4.04 -20.20
CA VAL A 183 10.57 -3.23 -19.00
C VAL A 183 9.37 -3.69 -18.17
N GLY A 184 9.35 -3.31 -16.89
CA GLY A 184 8.26 -3.70 -16.01
C GLY A 184 8.70 -3.64 -14.56
N LEU A 185 7.89 -4.21 -13.68
CA LEU A 185 8.20 -4.24 -12.26
C LEU A 185 9.13 -5.40 -11.95
N ASN A 186 10.34 -5.07 -11.50
CA ASN A 186 11.34 -6.08 -11.18
CA ASN A 186 11.34 -6.08 -11.17
C ASN A 186 11.27 -6.47 -9.70
N ILE A 187 11.15 -7.75 -9.42
CA ILE A 187 11.08 -8.21 -8.04
C ILE A 187 12.47 -8.19 -7.38
N LEU A 188 12.56 -7.52 -6.24
CA LEU A 188 13.82 -7.48 -5.51
C LEU A 188 13.85 -8.58 -4.44
N ALA A 189 12.71 -8.77 -3.79
CA ALA A 189 12.54 -9.83 -2.80
C ALA A 189 11.06 -9.98 -2.46
N VAL A 190 10.68 -11.16 -1.99
CA VAL A 190 9.30 -11.42 -1.58
C VAL A 190 9.28 -12.15 -0.25
N TYR A 191 8.35 -11.75 0.62
CA TYR A 191 8.19 -12.41 1.91
C TYR A 191 6.88 -13.20 1.96
N GLU A 192 6.95 -14.37 2.58
CA GLU A 192 5.77 -15.20 2.84
C GLU A 192 6.08 -16.24 3.91
N ASP A 193 5.32 -16.22 5.01
CA ASP A 193 5.47 -17.23 6.05
C ASP A 193 6.85 -17.33 6.67
N GLY A 194 7.41 -16.19 7.09
CA GLY A 194 8.73 -16.17 7.70
C GLY A 194 9.84 -16.62 6.76
N ILE A 195 9.56 -16.56 5.46
CA ILE A 195 10.55 -16.91 4.46
C ILE A 195 10.77 -15.75 3.49
N ILE A 196 12.03 -15.39 3.26
CA ILE A 196 12.36 -14.36 2.28
C ILE A 196 12.84 -15.04 1.00
N TYR A 197 12.17 -14.73 -0.11
CA TYR A 197 12.52 -15.29 -1.41
C TYR A 197 13.28 -14.28 -2.25
N THR A 198 14.45 -14.69 -2.73
CA THR A 198 15.24 -13.85 -3.61
C THR A 198 14.88 -14.19 -5.05
N PRO A 199 15.18 -13.27 -5.99
CA PRO A 199 14.88 -13.54 -7.40
C PRO A 199 15.50 -14.84 -7.89
N ASP A 200 16.75 -15.12 -7.49
CA ASP A 200 17.42 -16.34 -7.94
C ASP A 200 16.67 -17.59 -7.51
N VAL A 201 16.13 -17.58 -6.29
CA VAL A 201 15.36 -18.71 -5.78
C VAL A 201 14.03 -18.87 -6.53
N LEU A 202 13.38 -17.74 -6.80
CA LEU A 202 12.10 -17.75 -7.49
C LEU A 202 12.20 -18.25 -8.92
N LYS A 203 13.26 -17.83 -9.61
CA LYS A 203 13.48 -18.23 -11.00
C LYS A 203 13.86 -19.71 -11.10
N VAL A 204 14.68 -20.19 -10.18
CA VAL A 204 15.13 -21.56 -10.25
C VAL A 204 14.06 -22.54 -9.81
N ASP A 205 13.43 -22.31 -8.67
CA ASP A 205 12.44 -23.26 -8.17
C ASP A 205 11.20 -23.30 -9.04
N GLU A 206 10.69 -22.18 -9.50
CA GLU A 206 9.61 -22.02 -10.47
C GLU A 206 8.20 -22.15 -10.01
N GLU A 207 8.02 -22.90 -8.94
CA GLU A 207 6.63 -23.11 -8.54
C GLU A 207 6.68 -23.43 -7.08
N LYS A 208 5.57 -23.20 -6.40
CA LYS A 208 5.55 -23.54 -4.99
C LYS A 208 5.19 -25.00 -4.79
N LEU A 209 5.79 -25.62 -3.80
CA LEU A 209 5.52 -27.02 -3.48
C LEU A 209 4.08 -27.22 -3.03
N LEU A 210 3.38 -28.14 -3.70
CA LEU A 210 2.00 -28.43 -3.39
C LEU A 210 1.07 -27.36 -3.91
N ALA A 211 1.62 -26.47 -4.72
CA ALA A 211 0.82 -25.44 -5.38
C ALA A 211 0.18 -24.65 -4.26
N ASP A 212 -1.14 -24.54 -4.29
CA ASP A 212 -1.84 -23.74 -3.31
C ASP A 212 -2.46 -24.42 -2.12
N ILE A 213 -2.78 -23.51 -1.15
CA ILE A 213 -3.26 -23.90 0.16
C ILE A 213 -4.76 -23.69 0.27
N MET B 1 5.91 -16.96 32.35
CA MET B 1 5.33 -15.59 32.33
C MET B 1 4.89 -15.11 33.72
N ALA B 2 4.95 -13.80 33.91
CA ALA B 2 4.45 -13.16 35.13
C ALA B 2 2.95 -13.40 35.25
N PRO B 3 2.42 -13.44 36.49
CA PRO B 3 1.00 -13.69 36.70
C PRO B 3 0.05 -12.78 35.95
N TRP B 4 0.38 -11.51 35.75
CA TRP B 4 -0.55 -10.64 35.03
C TRP B 4 -0.76 -11.15 33.62
N LYS B 5 0.30 -11.71 33.03
CA LYS B 5 0.23 -12.27 31.69
C LYS B 5 -0.57 -13.58 31.69
N ILE B 6 -0.37 -14.40 32.71
CA ILE B 6 -1.10 -15.65 32.85
C ILE B 6 -2.60 -15.37 32.97
N GLU B 7 -2.94 -14.37 33.77
CA GLU B 7 -4.34 -14.01 33.97
C GLU B 7 -4.96 -13.43 32.70
N GLU B 8 -4.20 -12.64 31.95
CA GLU B 8 -4.69 -12.10 30.69
C GLU B 8 -5.01 -13.24 29.72
N VAL B 9 -4.07 -14.17 29.59
CA VAL B 9 -4.27 -15.29 28.68
C VAL B 9 -5.47 -16.13 29.09
N LYS B 10 -5.62 -16.36 30.39
CA LYS B 10 -6.75 -17.12 30.90
C LYS B 10 -8.07 -16.47 30.48
N THR B 11 -8.15 -15.16 30.68
CA THR B 11 -9.35 -14.40 30.33
C THR B 11 -9.60 -14.36 28.83
N LEU B 12 -8.56 -14.11 28.05
CA LEU B 12 -8.65 -14.09 26.59
C LEU B 12 -9.13 -15.43 26.06
N LYS B 13 -8.60 -16.52 26.61
CA LYS B 13 -9.03 -17.86 26.18
C LYS B 13 -10.52 -18.06 26.48
N GLY B 14 -10.95 -17.62 27.66
CA GLY B 14 -12.35 -17.72 28.03
C GLY B 14 -13.26 -16.96 27.08
N LEU B 15 -12.78 -15.82 26.61
CA LEU B 15 -13.53 -14.99 25.67
C LEU B 15 -13.60 -15.68 24.31
N ILE B 16 -12.45 -16.14 23.83
CA ILE B 16 -12.38 -16.81 22.53
C ILE B 16 -13.33 -18.00 22.44
N LYS B 17 -13.50 -18.74 23.53
CA LYS B 17 -14.37 -19.90 23.53
CA LYS B 17 -14.37 -19.91 23.52
C LYS B 17 -15.82 -19.52 23.81
N SER B 18 -16.05 -18.23 24.07
CA SER B 18 -17.39 -17.75 24.43
C SER B 18 -18.42 -17.79 23.30
N LYS B 19 -17.98 -17.53 22.08
CA LYS B 19 -18.89 -17.35 20.95
C LYS B 19 -18.38 -18.00 19.66
N PRO B 20 -19.26 -18.18 18.68
CA PRO B 20 -18.91 -18.80 17.41
C PRO B 20 -18.10 -17.89 16.47
N VAL B 21 -18.17 -16.58 16.68
CA VAL B 21 -17.47 -15.64 15.80
C VAL B 21 -16.41 -14.87 16.58
N VAL B 22 -15.17 -14.95 16.11
CA VAL B 22 -14.04 -14.31 16.79
C VAL B 22 -13.34 -13.38 15.81
N ALA B 23 -13.28 -12.10 16.15
CA ALA B 23 -12.67 -11.11 15.26
C ALA B 23 -11.45 -10.45 15.87
N ILE B 24 -10.54 -10.02 14.99
CA ILE B 24 -9.41 -9.18 15.40
C ILE B 24 -9.73 -7.78 14.87
N VAL B 25 -9.76 -6.81 15.77
CA VAL B 25 -10.07 -5.41 15.40
C VAL B 25 -8.95 -4.46 15.81
N ASP B 26 -8.77 -3.40 15.04
CA ASP B 26 -7.72 -2.42 15.27
C ASP B 26 -8.17 -1.33 16.25
N MET B 27 -7.50 -1.21 17.39
CA MET B 27 -7.86 -0.20 18.40
C MET B 27 -7.02 1.07 18.29
N MET B 28 -6.01 1.06 17.41
CA MET B 28 -5.13 2.21 17.28
C MET B 28 -5.81 3.43 16.67
N ASP B 29 -5.44 4.61 17.15
CA ASP B 29 -5.97 5.88 16.65
C ASP B 29 -7.46 6.08 16.90
N VAL B 30 -8.00 5.33 17.85
CA VAL B 30 -9.37 5.55 18.30
C VAL B 30 -9.25 6.13 19.71
N PRO B 31 -9.36 7.46 19.83
CA PRO B 31 -9.21 8.12 21.12
C PRO B 31 -10.29 7.69 22.10
N ALA B 32 -9.97 7.78 23.39
CA ALA B 32 -10.84 7.29 24.47
C ALA B 32 -12.30 7.74 24.39
N PRO B 33 -12.54 9.04 24.21
CA PRO B 33 -13.92 9.51 24.13
C PRO B 33 -14.68 8.83 22.99
N GLN B 34 -14.02 8.68 21.85
CA GLN B 34 -14.65 8.06 20.70
C GLN B 34 -14.89 6.56 20.93
N LEU B 35 -13.94 5.90 21.59
CA LEU B 35 -14.09 4.49 21.89
C LEU B 35 -15.33 4.26 22.75
N GLN B 36 -15.53 5.14 23.73
CA GLN B 36 -16.67 5.04 24.62
C GLN B 36 -17.98 5.14 23.84
N GLU B 37 -18.05 6.10 22.92
CA GLU B 37 -19.24 6.28 22.10
C GLU B 37 -19.53 5.03 21.26
N ILE B 38 -18.49 4.46 20.68
CA ILE B 38 -18.65 3.25 19.87
C ILE B 38 -19.11 2.08 20.73
N ARG B 39 -18.41 1.85 21.85
CA ARG B 39 -18.77 0.77 22.77
C ARG B 39 -20.24 0.89 23.19
N ASP B 40 -20.69 2.11 23.47
CA ASP B 40 -22.07 2.33 23.90
C ASP B 40 -23.07 1.92 22.83
N LYS B 41 -22.67 2.06 21.56
CA LYS B 41 -23.53 1.72 20.44
C LYS B 41 -23.59 0.21 20.13
N ILE B 42 -22.54 -0.51 20.48
CA ILE B 42 -22.44 -1.93 20.08
C ILE B 42 -22.34 -2.95 21.21
N ARG B 43 -22.29 -2.50 22.45
CA ARG B 43 -22.06 -3.41 23.58
C ARG B 43 -23.10 -4.50 23.78
N ASP B 44 -24.29 -4.32 23.23
CA ASP B 44 -25.35 -5.32 23.37
C ASP B 44 -25.17 -6.45 22.36
N LYS B 45 -24.25 -6.28 21.42
CA LYS B 45 -24.09 -7.22 20.32
C LYS B 45 -22.72 -7.90 20.25
N VAL B 46 -21.72 -7.30 20.88
CA VAL B 46 -20.38 -7.86 20.87
C VAL B 46 -19.72 -7.71 22.23
N LYS B 47 -18.59 -8.39 22.41
CA LYS B 47 -17.79 -8.24 23.62
C LYS B 47 -16.36 -8.05 23.15
N LEU B 48 -15.70 -7.01 23.63
CA LEU B 48 -14.34 -6.84 23.21
C LEU B 48 -13.36 -6.78 24.36
N ARG B 49 -12.13 -7.15 24.04
CA ARG B 49 -11.10 -7.25 25.07
C ARG B 49 -9.76 -6.82 24.51
N MET B 50 -9.15 -5.82 25.13
CA MET B 50 -7.85 -5.32 24.72
C MET B 50 -6.77 -5.99 25.55
N SER B 51 -5.64 -6.27 24.92
CA SER B 51 -4.51 -6.87 25.62
C SER B 51 -3.27 -6.73 24.73
N ARG B 52 -2.11 -7.02 25.27
CA ARG B 52 -0.89 -7.00 24.46
C ARG B 52 -0.97 -8.11 23.41
N ASN B 53 -0.46 -7.83 22.21
CA ASN B 53 -0.62 -8.75 21.10
C ASN B 53 0.03 -10.12 21.34
N THR B 54 1.15 -10.14 22.05
CA THR B 54 1.83 -11.40 22.34
C THR B 54 0.90 -12.32 23.13
N LEU B 55 0.11 -11.73 24.02
CA LEU B 55 -0.82 -12.49 24.85
C LEU B 55 -2.03 -12.96 24.06
N ILE B 56 -2.53 -12.10 23.17
CA ILE B 56 -3.64 -12.49 22.31
C ILE B 56 -3.23 -13.65 21.40
N ILE B 57 -2.03 -13.56 20.85
CA ILE B 57 -1.50 -14.58 19.96
C ILE B 57 -1.39 -15.91 20.69
N ARG B 58 -0.84 -15.89 21.90
CA ARG B 58 -0.73 -17.11 22.69
C ARG B 58 -2.11 -17.69 23.01
N ALA B 59 -3.04 -16.82 23.37
CA ALA B 59 -4.40 -17.25 23.71
C ALA B 59 -5.09 -17.90 22.51
N LEU B 60 -4.86 -17.35 21.32
CA LEU B 60 -5.42 -17.91 20.10
C LEU B 60 -4.82 -19.28 19.78
N LYS B 61 -3.51 -19.42 19.93
CA LYS B 61 -2.86 -20.69 19.64
C LYS B 61 -3.32 -21.79 20.59
N GLU B 62 -3.42 -21.46 21.88
CA GLU B 62 -3.87 -22.43 22.87
C GLU B 62 -5.35 -22.76 22.72
N ALA B 63 -6.17 -21.74 22.46
CA ALA B 63 -7.60 -21.96 22.24
C ALA B 63 -7.83 -22.83 21.00
N ALA B 64 -7.05 -22.57 19.96
CA ALA B 64 -7.16 -23.34 18.72
C ALA B 64 -6.88 -24.81 19.02
N GLU B 65 -5.85 -25.07 19.81
CA GLU B 65 -5.50 -26.45 20.15
C GLU B 65 -6.63 -27.10 20.95
N GLU B 66 -7.13 -26.39 21.96
CA GLU B 66 -8.14 -26.95 22.85
C GLU B 66 -9.50 -27.11 22.19
N LEU B 67 -9.83 -26.22 21.25
CA LEU B 67 -11.09 -26.31 20.53
C LEU B 67 -10.99 -27.24 19.32
N ASN B 68 -9.79 -27.72 19.04
CA ASN B 68 -9.54 -28.52 17.85
C ASN B 68 -9.94 -27.77 16.58
N ASN B 69 -9.66 -26.47 16.59
CA ASN B 69 -9.90 -25.58 15.45
C ASN B 69 -8.58 -24.93 15.02
N PRO B 70 -7.74 -25.69 14.29
CA PRO B 70 -6.42 -25.17 13.93
C PRO B 70 -6.46 -23.85 13.15
N LYS B 71 -7.45 -23.68 12.28
CA LYS B 71 -7.55 -22.48 11.46
C LYS B 71 -7.68 -21.25 12.35
N LEU B 72 -8.26 -21.42 13.52
CA LEU B 72 -8.41 -20.33 14.47
C LEU B 72 -7.07 -19.69 14.82
N ALA B 73 -6.02 -20.50 14.88
CA ALA B 73 -4.69 -20.01 15.19
C ALA B 73 -4.15 -19.10 14.07
N GLU B 74 -4.78 -19.19 12.90
CA GLU B 74 -4.38 -18.37 11.76
C GLU B 74 -4.70 -16.89 11.99
N LEU B 75 -5.64 -16.60 12.89
CA LEU B 75 -5.96 -15.21 13.22
C LEU B 75 -4.74 -14.49 13.78
N ALA B 76 -3.81 -15.25 14.37
CA ALA B 76 -2.62 -14.67 14.97
C ALA B 76 -1.81 -13.85 13.96
N ASN B 77 -1.92 -14.20 12.68
CA ASN B 77 -1.23 -13.48 11.63
C ASN B 77 -1.68 -12.03 11.48
N TYR B 78 -2.80 -11.70 12.11
CA TYR B 78 -3.38 -10.37 11.98
C TYR B 78 -3.28 -9.53 13.24
N VAL B 79 -2.78 -10.13 14.32
CA VAL B 79 -2.75 -9.45 15.61
C VAL B 79 -1.55 -8.53 15.79
N GLU B 80 -1.65 -7.34 15.21
CA GLU B 80 -0.63 -6.33 15.40
C GLU B 80 -0.75 -5.73 16.79
N ARG B 81 0.31 -5.09 17.26
CA ARG B 81 0.26 -4.39 18.54
C ARG B 81 -0.91 -3.41 18.51
N GLY B 82 -1.78 -3.50 19.51
CA GLY B 82 -2.90 -2.58 19.61
C GLY B 82 -4.19 -3.11 19.02
N ALA B 83 -4.12 -4.33 18.49
CA ALA B 83 -5.33 -5.02 18.04
C ALA B 83 -6.02 -5.62 19.25
N ALA B 84 -7.33 -5.81 19.15
CA ALA B 84 -8.13 -6.39 20.23
C ALA B 84 -8.92 -7.59 19.72
N ILE B 85 -9.36 -8.44 20.64
CA ILE B 85 -10.24 -9.56 20.32
C ILE B 85 -11.68 -9.09 20.50
N LEU B 86 -12.54 -9.42 19.55
CA LEU B 86 -13.96 -9.12 19.64
C LEU B 86 -14.74 -10.41 19.34
N VAL B 87 -15.66 -10.78 20.23
CA VAL B 87 -16.47 -11.97 19.98
C VAL B 87 -17.96 -11.63 19.90
N THR B 88 -18.70 -12.44 19.15
CA THR B 88 -20.10 -12.15 18.88
C THR B 88 -20.82 -13.37 18.34
N ASP B 89 -22.15 -13.28 18.31
CA ASP B 89 -22.99 -14.32 17.73
C ASP B 89 -23.32 -14.02 16.28
N MET B 90 -23.25 -12.76 15.88
CA MET B 90 -23.64 -12.40 14.52
C MET B 90 -22.57 -12.81 13.50
N ASN B 91 -23.01 -13.17 12.29
CA ASN B 91 -22.06 -13.61 11.27
C ASN B 91 -21.10 -12.50 10.85
N PRO B 92 -19.96 -12.88 10.26
CA PRO B 92 -18.91 -11.92 9.91
C PRO B 92 -19.37 -10.76 9.03
N PHE B 93 -20.28 -11.04 8.09
CA PHE B 93 -20.75 -10.00 7.20
C PHE B 93 -21.59 -8.97 7.95
N LYS B 94 -22.47 -9.44 8.83
CA LYS B 94 -23.26 -8.55 9.66
C LYS B 94 -22.36 -7.77 10.62
N LEU B 95 -21.32 -8.41 11.13
CA LEU B 95 -20.38 -7.73 12.01
C LEU B 95 -19.67 -6.61 11.27
N TYR B 96 -19.23 -6.89 10.04
CA TYR B 96 -18.60 -5.84 9.24
C TYR B 96 -19.53 -4.64 9.10
N LYS B 97 -20.80 -4.88 8.81
CA LYS B 97 -21.77 -3.80 8.66
C LYS B 97 -21.95 -3.03 9.95
N LEU B 98 -22.05 -3.77 11.06
CA LEU B 98 -22.24 -3.15 12.37
C LEU B 98 -21.13 -2.15 12.67
N LEU B 99 -19.89 -2.56 12.43
CA LEU B 99 -18.76 -1.70 12.74
C LEU B 99 -18.65 -0.51 11.79
N GLU B 100 -19.10 -0.69 10.56
CA GLU B 100 -19.13 0.40 9.59
C GLU B 100 -20.19 1.44 9.94
N GLU B 101 -21.30 0.96 10.51
CA GLU B 101 -22.43 1.82 10.83
C GLU B 101 -22.28 2.52 12.18
N ASN B 102 -21.33 2.09 12.99
CA ASN B 102 -21.17 2.64 14.33
C ASN B 102 -19.80 3.28 14.58
N LYS B 103 -19.54 4.37 13.88
CA LYS B 103 -18.31 5.13 14.07
C LYS B 103 -18.58 6.34 14.93
N SER B 104 -17.55 7.15 15.15
CA SER B 104 -17.66 8.34 15.98
C SER B 104 -16.83 9.47 15.38
N PRO B 105 -17.36 10.70 15.42
CA PRO B 105 -16.63 11.87 14.92
C PRO B 105 -15.38 12.07 15.78
N ALA B 106 -14.26 12.40 15.13
CA ALA B 106 -13.00 12.58 15.84
C ALA B 106 -12.19 13.74 15.26
N PRO B 107 -11.25 14.28 16.05
CA PRO B 107 -10.35 15.32 15.56
C PRO B 107 -9.46 14.78 14.45
N VAL B 108 -9.14 15.62 13.46
CA VAL B 108 -8.21 15.22 12.41
C VAL B 108 -6.81 15.21 13.02
N ARG B 109 -5.94 14.35 12.50
CA ARG B 109 -4.59 14.22 13.05
C ARG B 109 -3.56 15.05 12.27
N GLY B 110 -2.56 15.54 12.97
CA GLY B 110 -1.48 16.28 12.32
C GLY B 110 -0.74 15.39 11.33
N GLY B 111 -0.51 15.93 10.13
CA GLY B 111 0.20 15.21 9.09
C GLY B 111 -0.63 14.19 8.33
N GLN B 112 -1.88 14.01 8.74
CA GLN B 112 -2.78 13.06 8.08
C GLN B 112 -3.28 13.62 6.74
N ILE B 113 -3.53 12.74 5.77
CA ILE B 113 -4.18 13.17 4.55
C ILE B 113 -5.66 13.35 4.83
N ALA B 114 -6.19 14.53 4.54
CA ALA B 114 -7.61 14.81 4.81
C ALA B 114 -8.51 13.86 4.04
N PRO B 115 -9.38 13.12 4.75
CA PRO B 115 -10.31 12.17 4.14
C PRO B 115 -11.57 12.85 3.60
N CYS B 116 -11.63 14.16 3.75
CA CYS B 116 -12.75 14.97 3.27
C CYS B 116 -12.32 16.44 3.33
N ASP B 117 -13.13 17.32 2.75
CA ASP B 117 -12.90 18.74 2.92
C ASP B 117 -13.14 19.05 4.39
N ILE B 118 -12.25 19.81 5.01
CA ILE B 118 -12.43 20.18 6.40
C ILE B 118 -12.71 21.68 6.48
N LYS B 119 -13.79 22.02 7.16
CA LYS B 119 -14.25 23.40 7.18
C LYS B 119 -14.40 23.91 8.60
N VAL B 120 -14.29 25.23 8.76
CA VAL B 120 -14.62 25.88 10.00
C VAL B 120 -15.89 26.67 9.70
N GLU B 121 -16.68 26.95 10.74
CA GLU B 121 -17.91 27.70 10.57
C GLU B 121 -17.79 29.08 11.19
N LYS B 122 -18.38 30.07 10.53
CA LYS B 122 -18.37 31.44 11.03
C LYS B 122 -19.11 31.55 12.36
N GLY B 123 -18.69 32.50 13.18
CA GLY B 123 -19.38 32.76 14.44
C GLY B 123 -18.49 32.75 15.66
N SER B 124 -19.06 33.13 16.80
CA SER B 124 -18.31 33.17 18.04
C SER B 124 -17.80 31.78 18.44
N THR B 125 -16.58 31.75 18.96
CA THR B 125 -16.01 30.53 19.51
C THR B 125 -16.33 30.49 21.01
N GLY B 126 -16.84 31.59 21.52
CA GLY B 126 -17.15 31.70 22.95
C GLY B 126 -15.91 31.95 23.79
N MET B 127 -14.75 32.00 23.13
CA MET B 127 -13.48 32.16 23.84
C MET B 127 -13.10 33.63 24.03
N PRO B 128 -12.46 33.93 25.17
CA PRO B 128 -12.05 35.30 25.49
C PRO B 128 -10.93 35.77 24.57
N PRO B 129 -10.82 37.10 24.37
CA PRO B 129 -9.72 37.65 23.59
C PRO B 129 -8.39 37.21 24.18
N GLY B 130 -7.43 36.88 23.31
CA GLY B 130 -6.12 36.42 23.75
C GLY B 130 -5.32 35.93 22.57
N PRO B 131 -4.16 35.33 22.82
CA PRO B 131 -3.24 34.89 21.76
C PRO B 131 -3.81 33.84 20.80
N PHE B 132 -4.88 33.15 21.19
CA PHE B 132 -5.50 32.17 20.29
C PHE B 132 -5.96 32.85 18.99
N LEU B 133 -6.26 34.14 19.06
CA LEU B 133 -6.66 34.87 17.86
C LEU B 133 -5.55 34.82 16.81
N GLY B 134 -4.32 35.13 17.23
CA GLY B 134 -3.17 35.08 16.32
C GLY B 134 -2.90 33.67 15.86
N GLU B 135 -3.18 32.70 16.72
CA GLU B 135 -2.97 31.30 16.37
C GLU B 135 -3.88 30.89 15.22
N LEU B 136 -5.13 31.31 15.29
CA LEU B 136 -6.11 31.00 14.24
C LEU B 136 -5.66 31.59 12.91
N LYS B 137 -5.30 32.86 12.91
CA LYS B 137 -4.80 33.50 11.70
C LYS B 137 -3.59 32.79 11.12
N SER B 138 -2.72 32.25 11.98
CA SER B 138 -1.49 31.62 11.53
C SER B 138 -1.70 30.31 10.78
N VAL B 139 -2.89 29.72 10.91
CA VAL B 139 -3.20 28.51 10.15
C VAL B 139 -4.25 28.77 9.08
N GLY B 140 -4.48 30.04 8.75
CA GLY B 140 -5.36 30.40 7.65
C GLY B 140 -6.84 30.45 7.97
N ILE B 141 -7.17 30.67 9.24
CA ILE B 141 -8.56 30.81 9.65
C ILE B 141 -8.84 32.28 9.95
N PRO B 142 -9.64 32.94 9.11
CA PRO B 142 -9.98 34.34 9.33
C PRO B 142 -10.72 34.49 10.65
N ALA B 143 -10.25 35.40 11.49
CA ALA B 143 -10.83 35.57 12.82
C ALA B 143 -10.63 36.99 13.30
N ALA B 144 -11.47 37.40 14.25
CA ALA B 144 -11.39 38.73 14.80
C ALA B 144 -12.10 38.75 16.15
N ILE B 145 -11.91 39.81 16.92
CA ILE B 145 -12.68 39.99 18.14
C ILE B 145 -14.01 40.62 17.73
N GLU B 146 -15.10 39.93 18.05
CA GLU B 146 -16.44 40.42 17.79
C GLU B 146 -17.28 40.24 19.05
N LYS B 147 -17.96 41.29 19.48
CA LYS B 147 -18.79 41.22 20.67
C LYS B 147 -18.02 40.64 21.85
N GLY B 148 -16.77 41.06 22.01
CA GLY B 148 -15.97 40.68 23.17
C GLY B 148 -15.44 39.25 23.18
N LYS B 149 -15.62 38.53 22.08
CA LYS B 149 -15.15 37.16 21.99
C LYS B 149 -14.34 36.93 20.72
N ILE B 150 -13.52 35.88 20.71
CA ILE B 150 -12.85 35.48 19.48
C ILE B 150 -13.90 34.84 18.57
N ALA B 151 -14.00 35.33 17.35
CA ALA B 151 -14.99 34.81 16.41
C ALA B 151 -14.34 34.41 15.10
N ILE B 152 -14.85 33.33 14.52
CA ILE B 152 -14.43 32.92 13.19
CA ILE B 152 -14.43 32.92 13.19
C ILE B 152 -15.18 33.82 12.21
N LYS B 153 -14.44 34.55 11.37
CA LYS B 153 -15.05 35.57 10.52
C LYS B 153 -15.93 35.03 9.39
N GLU B 154 -15.63 33.85 8.90
CA GLU B 154 -16.40 33.29 7.79
C GLU B 154 -16.26 31.78 7.68
N ASP B 155 -17.21 31.16 6.99
CA ASP B 155 -17.12 29.75 6.68
C ASP B 155 -15.92 29.58 5.75
N LYS B 156 -15.11 28.57 5.99
CA LYS B 156 -13.96 28.33 5.11
C LYS B 156 -13.48 26.90 5.11
N VAL B 157 -13.20 26.39 3.92
CA VAL B 157 -12.57 25.09 3.78
C VAL B 157 -11.09 25.32 4.04
N VAL B 158 -10.59 24.79 5.15
CA VAL B 158 -9.20 25.03 5.55
C VAL B 158 -8.22 24.00 5.00
N VAL B 159 -8.73 22.85 4.60
CA VAL B 159 -7.94 21.83 3.91
C VAL B 159 -8.86 21.00 3.02
N LYS B 160 -8.43 20.78 1.78
CA LYS B 160 -9.21 20.02 0.80
C LYS B 160 -8.96 18.53 0.93
N LYS B 161 -9.94 17.72 0.59
CA LYS B 161 -9.76 16.26 0.61
C LYS B 161 -8.52 15.90 -0.20
N GLY B 162 -7.66 15.06 0.38
CA GLY B 162 -6.46 14.61 -0.32
C GLY B 162 -5.23 15.45 -0.03
N GLU B 163 -5.42 16.58 0.65
CA GLU B 163 -4.28 17.41 1.05
C GLU B 163 -3.87 17.10 2.48
N VAL B 164 -2.59 17.27 2.78
CA VAL B 164 -2.09 17.03 4.12
C VAL B 164 -2.54 18.13 5.09
N VAL B 165 -2.89 17.71 6.31
CA VAL B 165 -3.29 18.63 7.36
C VAL B 165 -2.08 18.97 8.21
N SER B 166 -1.69 20.24 8.26
CA SER B 166 -0.50 20.60 9.03
C SER B 166 -0.72 20.28 10.50
N PRO B 167 0.36 19.94 11.22
CA PRO B 167 0.25 19.69 12.65
C PRO B 167 -0.35 20.88 13.39
N LYS B 168 0.06 22.10 13.06
CA LYS B 168 -0.50 23.25 13.77
C LYS B 168 -1.99 23.45 13.47
N LEU B 169 -2.40 23.24 12.22
CA LEU B 169 -3.81 23.36 11.87
C LEU B 169 -4.62 22.32 12.66
N ALA B 170 -4.09 21.10 12.77
CA ALA B 170 -4.79 20.06 13.52
C ALA B 170 -4.91 20.47 14.98
N ALA B 171 -3.87 21.12 15.50
CA ALA B 171 -3.88 21.53 16.91
C ALA B 171 -4.94 22.59 17.14
N VAL B 172 -5.04 23.54 16.21
CA VAL B 172 -6.04 24.61 16.28
C VAL B 172 -7.46 24.06 16.14
N LEU B 173 -7.66 23.18 15.16
CA LEU B 173 -8.99 22.59 14.94
C LEU B 173 -9.47 21.84 16.18
N ASP B 174 -8.57 21.12 16.83
CA ASP B 174 -8.92 20.37 18.03
C ASP B 174 -9.32 21.35 19.13
N ARG B 175 -8.57 22.43 19.24
CA ARG B 175 -8.89 23.45 20.24
C ARG B 175 -10.27 24.07 19.99
N LEU B 176 -10.69 24.11 18.73
CA LEU B 176 -12.02 24.61 18.36
C LEU B 176 -13.12 23.57 18.55
N GLY B 177 -12.73 22.35 18.90
CA GLY B 177 -13.70 21.28 19.13
C GLY B 177 -14.24 20.66 17.85
N ILE B 178 -13.56 20.95 16.74
CA ILE B 178 -13.97 20.41 15.44
C ILE B 178 -13.55 18.94 15.33
N LYS B 179 -14.48 18.11 14.86
CA LYS B 179 -14.25 16.67 14.73
C LYS B 179 -14.77 16.19 13.37
N PRO B 180 -13.97 16.42 12.33
CA PRO B 180 -14.34 16.21 10.93
C PRO B 180 -14.01 14.86 10.32
N ILE B 181 -13.36 13.95 11.05
CA ILE B 181 -13.15 12.60 10.53
C ILE B 181 -14.00 11.61 11.30
N LYS B 182 -14.15 10.40 10.77
CA LYS B 182 -14.91 9.36 11.45
C LYS B 182 -13.98 8.21 11.77
N VAL B 183 -13.93 7.84 13.04
CA VAL B 183 -13.10 6.70 13.45
C VAL B 183 -14.00 5.56 13.91
N GLY B 184 -13.58 4.34 13.61
CA GLY B 184 -14.33 3.15 14.02
C GLY B 184 -13.37 2.02 14.31
N LEU B 185 -13.91 0.88 14.71
CA LEU B 185 -13.09 -0.29 14.97
C LEU B 185 -12.96 -1.11 13.69
N ASN B 186 -11.79 -1.00 13.06
CA ASN B 186 -11.56 -1.69 11.78
C ASN B 186 -11.31 -3.18 11.92
N ILE B 187 -12.03 -3.98 11.16
CA ILE B 187 -11.82 -5.42 11.19
C ILE B 187 -10.55 -5.80 10.44
N LEU B 188 -9.68 -6.53 11.11
CA LEU B 188 -8.48 -7.03 10.49
C LEU B 188 -8.70 -8.43 9.94
N ALA B 189 -9.43 -9.26 10.67
CA ALA B 189 -9.81 -10.59 10.20
C ALA B 189 -10.87 -11.18 11.10
N VAL B 190 -11.67 -12.10 10.58
CA VAL B 190 -12.73 -12.70 11.36
C VAL B 190 -12.77 -14.20 11.15
N TYR B 191 -12.94 -14.95 12.24
CA TYR B 191 -13.05 -16.40 12.16
C TYR B 191 -14.46 -16.86 12.47
N GLU B 192 -14.97 -17.79 11.68
CA GLU B 192 -16.24 -18.45 11.94
C GLU B 192 -16.28 -19.83 11.29
N ASP B 193 -16.56 -20.85 12.09
CA ASP B 193 -16.76 -22.21 11.58
C ASP B 193 -15.68 -22.68 10.61
N GLY B 194 -14.42 -22.60 11.05
CA GLY B 194 -13.30 -23.10 10.26
C GLY B 194 -12.84 -22.21 9.11
N ILE B 195 -13.45 -21.04 8.98
CA ILE B 195 -13.12 -20.12 7.89
C ILE B 195 -12.62 -18.77 8.39
N ILE B 196 -11.60 -18.24 7.71
CA ILE B 196 -11.08 -16.91 8.01
C ILE B 196 -11.52 -15.94 6.93
N TYR B 197 -12.17 -14.85 7.34
CA TYR B 197 -12.64 -13.82 6.42
C TYR B 197 -11.79 -12.56 6.54
N THR B 198 -11.35 -12.05 5.39
CA THR B 198 -10.56 -10.83 5.35
C THR B 198 -11.45 -9.66 4.97
N PRO B 199 -10.99 -8.42 5.22
CA PRO B 199 -11.75 -7.22 4.89
C PRO B 199 -12.24 -7.18 3.45
N ASP B 200 -11.39 -7.59 2.50
CA ASP B 200 -11.76 -7.56 1.09
C ASP B 200 -13.01 -8.39 0.80
N VAL B 201 -13.14 -9.52 1.48
CA VAL B 201 -14.28 -10.39 1.28
C VAL B 201 -15.52 -9.86 2.01
N LEU B 202 -15.30 -9.35 3.22
CA LEU B 202 -16.40 -8.85 4.03
C LEU B 202 -17.07 -7.61 3.44
N LYS B 203 -16.29 -6.86 2.66
CA LYS B 203 -16.77 -5.62 2.04
C LYS B 203 -17.89 -5.85 1.04
N VAL B 204 -17.86 -6.98 0.35
CA VAL B 204 -18.84 -7.27 -0.70
C VAL B 204 -20.14 -7.80 -0.13
N ASP B 205 -20.06 -8.86 0.67
CA ASP B 205 -21.25 -9.43 1.29
C ASP B 205 -22.21 -9.99 0.24
#